data_4MBI
#
_entry.id   4MBI
#
_cell.length_a   97.877
_cell.length_b   97.877
_cell.length_c   80.625
_cell.angle_alpha   90.00
_cell.angle_beta   90.00
_cell.angle_gamma   120.00
#
_symmetry.space_group_name_H-M   'P 65'
#
loop_
_entity.id
_entity.type
_entity.pdbx_description
1 polymer 'Serine/threonine-protein kinase pim-1'
2 non-polymer "N,N-dimethyl-N'-[3-(1H-pyrazol-4-yl)pyrazolo[1,5-a]pyrimidin-5-yl]ethane-1,2-diamine"
3 water water
#
_entity_poly.entity_id   1
_entity_poly.type   'polypeptide(L)'
_entity_poly.pdbx_seq_one_letter_code
;KEKEPLESQYQVGPLLGSGGFGSVYSGIRVSDNLPVAIKHVEKDRISDWGELPNGTRVPMEVVLLKKVSSGFSGVIRLLD
WFERPDSFVLILERPEPVQDLFDFITERGALQEELARSFFWQVLEAVRHCHNCGVLHRDIKDENILIDLNRGELKLIDFG
SGALLKDTVYTDFDGTRVYSPPEWIRYHRYHGRSAAVWSLGILLYDMVCGDIPFEHDEEIIRGQVFFRQRVSSECQHLIR
WCLALRPSDRPTFEEIQNHPWMQDVLLPQETAEIHLHSLSPGPSKVEHHHHHH
;
_entity_poly.pdbx_strand_id   A
#
loop_
_chem_comp.id
_chem_comp.type
_chem_comp.name
_chem_comp.formula
26K non-polymer N,N-dimethyl-N'-[3-(1H-pyrazol-4-yl)pyrazolo[1,5-a]pyrimidin-5-yl]ethane-1,2-diamine 'C13 H17 N7'
#
# COMPACT_ATOMS: atom_id res chain seq x y z
N PRO A 5 20.38 -2.51 24.08
CA PRO A 5 19.22 -1.72 23.62
C PRO A 5 18.04 -1.67 24.63
N LEU A 6 16.99 -2.47 24.39
CA LEU A 6 16.01 -2.94 25.41
C LEU A 6 14.72 -2.13 25.51
N GLU A 7 14.08 -1.93 24.37
CA GLU A 7 12.61 -1.84 24.31
C GLU A 7 11.87 -0.73 25.06
N SER A 8 12.22 -0.43 26.31
CA SER A 8 11.66 0.79 26.91
C SER A 8 12.56 2.04 26.72
N GLN A 9 12.97 2.24 25.46
CA GLN A 9 13.32 3.55 24.93
C GLN A 9 12.16 4.13 24.09
N TYR A 10 11.05 3.37 23.98
CA TYR A 10 9.74 3.83 23.46
C TYR A 10 8.67 3.79 24.55
N GLN A 11 7.74 4.74 24.50
CA GLN A 11 6.60 4.74 25.43
C GLN A 11 5.33 4.34 24.66
N VAL A 12 4.60 3.37 25.22
CA VAL A 12 3.50 2.74 24.52
C VAL A 12 2.22 3.49 24.79
N GLY A 13 1.48 3.79 23.74
CA GLY A 13 0.14 4.32 23.84
C GLY A 13 -0.93 3.34 23.38
N PRO A 14 -2.07 3.88 22.90
CA PRO A 14 -3.23 3.11 22.46
C PRO A 14 -2.94 2.09 21.39
N LEU A 15 -3.67 0.97 21.41
CA LEU A 15 -3.69 0.05 20.26
C LEU A 15 -4.27 0.79 19.07
N LEU A 16 -3.56 0.82 17.95
CA LEU A 16 -4.06 1.48 16.77
C LEU A 16 -4.94 0.52 15.95
N GLY A 17 -4.55 -0.73 15.85
CA GLY A 17 -5.42 -1.72 15.23
C GLY A 17 -4.74 -3.06 15.30
N SER A 18 -5.48 -4.12 14.93
CA SER A 18 -4.88 -5.43 14.82
C SER A 18 -5.53 -6.23 13.72
N GLY A 19 -4.78 -7.12 13.11
CA GLY A 19 -5.33 -8.00 12.08
C GLY A 19 -4.21 -8.84 11.54
N GLY A 20 -4.27 -9.16 10.25
CA GLY A 20 -3.25 -9.99 9.60
C GLY A 20 -1.89 -9.32 9.51
N PHE A 21 -1.88 -8.01 9.74
CA PHE A 21 -0.68 -7.23 9.85
C PHE A 21 -0.07 -7.29 11.24
N GLY A 22 -0.69 -8.01 12.18
CA GLY A 22 -0.23 -8.07 13.57
C GLY A 22 -1.00 -7.07 14.40
N SER A 23 -0.48 -6.71 15.58
CA SER A 23 -1.09 -5.69 16.44
C SER A 23 -0.17 -4.50 16.42
N VAL A 24 -0.71 -3.30 16.15
CA VAL A 24 0.10 -2.08 16.02
C VAL A 24 -0.34 -1.06 17.07
N TYR A 25 0.60 -0.48 17.82
CA TYR A 25 0.29 0.49 18.86
C TYR A 25 0.87 1.87 18.54
N SER A 26 0.25 2.91 19.09
CA SER A 26 0.76 4.24 19.01
C SER A 26 1.87 4.30 20.01
N GLY A 27 2.96 4.96 19.66
CA GLY A 27 4.16 5.05 20.51
C GLY A 27 4.91 6.36 20.31
N ILE A 28 5.81 6.65 21.24
CA ILE A 28 6.65 7.83 21.21
C ILE A 28 8.04 7.37 21.55
N ARG A 29 9.01 7.61 20.69
CA ARG A 29 10.39 7.39 21.07
C ARG A 29 10.72 8.40 22.17
N VAL A 30 11.07 7.93 23.36
CA VAL A 30 11.36 8.80 24.51
C VAL A 30 12.59 9.69 24.28
N SER A 31 13.51 9.21 23.45
CA SER A 31 14.79 9.90 23.14
C SER A 31 14.59 11.29 22.56
N ASP A 32 13.54 11.48 21.75
CA ASP A 32 13.28 12.77 21.11
C ASP A 32 11.78 13.02 20.83
N ASN A 33 10.91 12.39 21.63
CA ASN A 33 9.45 12.44 21.43
C ASN A 33 8.90 12.14 20.03
N LEU A 34 9.67 11.45 19.21
CA LEU A 34 9.24 11.22 17.84
C LEU A 34 8.07 10.24 17.85
N PRO A 35 6.95 10.61 17.21
CA PRO A 35 5.86 9.68 17.03
C PRO A 35 6.32 8.41 16.32
N VAL A 36 5.82 7.26 16.78
CA VAL A 36 6.11 5.98 16.17
C VAL A 36 4.91 5.03 16.26
N ALA A 37 4.99 3.98 15.47
CA ALA A 37 4.05 2.90 15.51
C ALA A 37 4.84 1.68 15.95
N ILE A 38 4.37 0.99 16.98
CA ILE A 38 5.01 -0.26 17.42
C ILE A 38 4.19 -1.46 16.91
N LYS A 39 4.70 -2.15 15.91
CA LYS A 39 4.05 -3.38 15.44
C LYS A 39 4.62 -4.66 16.10
N HIS A 40 3.75 -5.47 16.71
CA HIS A 40 4.11 -6.86 17.10
C HIS A 40 3.53 -7.94 16.16
N VAL A 41 4.37 -8.86 15.72
CA VAL A 41 3.93 -10.04 14.98
C VAL A 41 4.42 -11.33 15.69
N GLU A 42 3.49 -12.25 15.96
CA GLU A 42 3.86 -13.54 16.55
C GLU A 42 4.63 -14.37 15.52
N LYS A 43 5.74 -14.97 15.96
CA LYS A 43 6.55 -15.82 15.08
C LYS A 43 5.72 -16.94 14.45
N ASP A 44 4.75 -17.47 15.20
CA ASP A 44 3.86 -18.52 14.73
C ASP A 44 3.12 -18.20 13.44
N ARG A 45 2.73 -16.95 13.26
CA ARG A 45 2.00 -16.53 12.06
C ARG A 45 2.89 -15.92 10.99
N ILE A 46 4.20 -16.11 11.09
CA ILE A 46 5.07 -15.69 9.98
C ILE A 46 5.35 -16.89 9.09
N SER A 47 4.85 -16.88 7.87
CA SER A 47 5.09 -17.98 6.94
C SER A 47 6.31 -17.72 6.06
N ASP A 48 6.72 -16.45 5.96
CA ASP A 48 7.75 -16.09 5.03
C ASP A 48 8.93 -15.41 5.72
N TRP A 49 10.02 -16.15 5.85
CA TRP A 49 11.25 -15.68 6.49
C TRP A 49 12.27 -15.29 5.46
N GLY A 50 13.18 -14.42 5.87
CA GLY A 50 14.33 -14.03 5.07
C GLY A 50 15.55 -14.01 5.96
N GLU A 51 16.65 -13.50 5.43
CA GLU A 51 17.83 -13.28 6.26
C GLU A 51 18.43 -11.92 5.95
N LEU A 52 19.05 -11.35 6.98
CA LEU A 52 19.66 -10.03 6.87
C LEU A 52 21.10 -10.29 6.45
N PRO A 53 21.61 -9.51 5.48
CA PRO A 53 23.04 -9.57 5.14
C PRO A 53 23.94 -10.08 6.29
N ASN A 54 23.74 -9.56 7.50
CA ASN A 54 24.48 -9.99 8.70
C ASN A 54 24.43 -11.48 9.01
N GLY A 55 23.38 -12.17 8.57
CA GLY A 55 23.21 -13.61 8.85
C GLY A 55 22.02 -14.01 9.73
N THR A 56 21.20 -13.05 10.16
CA THR A 56 20.14 -13.38 11.12
C THR A 56 18.86 -13.75 10.38
N ARG A 57 18.15 -14.73 10.92
CA ARG A 57 16.89 -15.19 10.34
C ARG A 57 15.76 -14.27 10.81
N VAL A 58 15.34 -13.34 9.95
CA VAL A 58 14.29 -12.36 10.26
C VAL A 58 13.05 -12.61 9.43
N PRO A 59 11.92 -11.99 9.81
CA PRO A 59 10.77 -12.03 8.94
C PRO A 59 11.06 -11.28 7.65
N MET A 60 10.37 -11.65 6.59
CA MET A 60 10.62 -11.07 5.29
C MET A 60 10.17 -9.61 5.29
N GLU A 61 9.14 -9.31 6.05
CA GLU A 61 8.67 -7.94 6.21
C GLU A 61 9.85 -6.99 6.52
N VAL A 62 10.73 -7.44 7.40
CA VAL A 62 11.89 -6.63 7.83
C VAL A 62 12.96 -6.51 6.74
N VAL A 63 13.20 -7.59 6.01
CA VAL A 63 14.07 -7.52 4.85
C VAL A 63 13.55 -6.47 3.85
N LEU A 64 12.24 -6.48 3.59
CA LEU A 64 11.64 -5.67 2.49
C LEU A 64 11.66 -4.21 2.92
N LEU A 65 11.24 -4.00 4.18
CA LEU A 65 11.27 -2.69 4.78
C LEU A 65 12.67 -2.10 4.80
N LYS A 66 13.71 -2.89 5.04
CA LYS A 66 15.06 -2.32 5.12
C LYS A 66 15.46 -1.85 3.78
N LYS A 67 15.13 -2.64 2.76
CA LYS A 67 15.42 -2.26 1.37
C LYS A 67 14.71 -1.00 0.88
N VAL A 68 13.53 -0.68 1.44
CA VAL A 68 12.76 0.50 0.96
C VAL A 68 12.82 1.69 1.88
N SER A 69 13.41 1.49 3.06
CA SER A 69 13.43 2.53 4.10
C SER A 69 14.61 3.48 4.01
N SER A 70 15.40 3.37 2.96
CA SER A 70 16.52 4.26 2.69
C SER A 70 16.11 5.72 2.79
N GLY A 71 14.84 6.02 2.49
CA GLY A 71 14.18 7.34 2.76
C GLY A 71 14.89 8.51 2.10
N PHE A 72 14.19 9.57 1.64
CA PHE A 72 12.76 9.82 1.79
C PHE A 72 11.92 9.10 0.76
N SER A 73 10.69 8.81 1.13
CA SER A 73 9.78 8.13 0.25
C SER A 73 8.35 8.28 0.77
N GLY A 74 7.41 7.77 -0.04
CA GLY A 74 6.02 7.56 0.33
C GLY A 74 5.78 6.15 0.87
N VAL A 75 6.79 5.60 1.56
CA VAL A 75 6.66 4.40 2.37
C VAL A 75 6.93 4.75 3.83
N ILE A 76 6.11 4.28 4.74
CA ILE A 76 6.44 4.40 6.14
C ILE A 76 7.67 3.55 6.45
N ARG A 77 8.70 4.23 6.98
CA ARG A 77 9.99 3.63 7.16
C ARG A 77 10.14 2.88 8.49
N LEU A 78 10.96 1.84 8.44
CA LEU A 78 11.29 1.04 9.62
C LEU A 78 12.49 1.68 10.29
N LEU A 79 12.32 2.16 11.51
CA LEU A 79 13.36 2.87 12.22
C LEU A 79 14.20 1.89 13.01
N ASP A 80 13.59 0.80 13.49
CA ASP A 80 14.32 -0.21 14.31
C ASP A 80 13.42 -1.45 14.43
N TRP A 81 13.98 -2.59 14.76
CA TRP A 81 13.18 -3.78 15.02
C TRP A 81 13.84 -4.52 16.17
N PHE A 82 13.10 -5.43 16.84
CA PHE A 82 13.62 -6.23 17.96
C PHE A 82 13.11 -7.65 17.91
N GLU A 83 13.92 -8.63 18.28
CA GLU A 83 13.41 -9.99 18.39
C GLU A 83 12.94 -10.30 19.81
N ARG A 84 11.88 -11.10 19.94
CA ARG A 84 11.49 -11.65 21.23
C ARG A 84 11.34 -13.17 21.15
N PRO A 85 11.20 -13.83 22.32
CA PRO A 85 11.10 -15.30 22.26
C PRO A 85 10.00 -15.78 21.30
N ASP A 86 8.87 -15.09 21.26
CA ASP A 86 7.73 -15.56 20.45
C ASP A 86 7.20 -14.56 19.43
N SER A 87 7.88 -13.43 19.29
CA SER A 87 7.42 -12.35 18.40
C SER A 87 8.58 -11.47 17.99
N PHE A 88 8.36 -10.70 16.94
CA PHE A 88 9.25 -9.63 16.53
C PHE A 88 8.51 -8.32 16.80
N VAL A 89 9.25 -7.29 17.15
CA VAL A 89 8.69 -5.95 17.36
C VAL A 89 9.35 -5.02 16.34
N LEU A 90 8.53 -4.34 15.52
CA LEU A 90 8.98 -3.36 14.53
C LEU A 90 8.59 -1.93 14.94
N ILE A 91 9.57 -1.02 14.92
CA ILE A 91 9.37 0.39 15.26
C ILE A 91 9.35 1.18 13.95
N LEU A 92 8.15 1.59 13.55
CA LEU A 92 7.95 2.32 12.32
C LEU A 92 7.56 3.72 12.63
N GLU A 93 7.68 4.58 11.64
CA GLU A 93 7.28 5.96 11.85
C GLU A 93 5.78 6.08 11.78
N ARG A 94 5.30 7.18 12.35
CA ARG A 94 3.88 7.51 12.45
C ARG A 94 3.59 9.00 12.19
N PRO A 95 2.92 9.30 11.09
CA PRO A 95 2.39 10.66 10.91
C PRO A 95 1.32 11.04 11.95
N GLU A 96 1.31 12.31 12.36
CA GLU A 96 0.22 12.86 13.17
C GLU A 96 -0.21 14.19 12.54
N PRO A 97 -1.50 14.38 12.26
CA PRO A 97 -2.63 13.48 12.32
C PRO A 97 -2.72 12.63 11.09
N VAL A 98 -3.42 11.51 11.23
CA VAL A 98 -3.37 10.44 10.25
C VAL A 98 -4.70 9.71 10.18
N GLN A 99 -5.06 9.30 8.97
CA GLN A 99 -6.24 8.48 8.76
C GLN A 99 -5.96 7.58 7.57
N ASP A 100 -6.33 6.31 7.69
CA ASP A 100 -6.06 5.39 6.59
C ASP A 100 -7.08 5.64 5.46
N LEU A 101 -6.68 5.42 4.22
CA LEU A 101 -7.53 5.79 3.07
C LEU A 101 -8.86 5.06 3.11
N PHE A 102 -8.85 3.85 3.67
CA PHE A 102 -10.08 3.10 3.91
C PHE A 102 -11.03 3.87 4.79
N ASP A 103 -10.58 4.33 5.95
CA ASP A 103 -11.50 5.09 6.82
C ASP A 103 -11.87 6.42 6.17
N PHE A 104 -10.91 7.04 5.51
CA PHE A 104 -11.17 8.27 4.80
C PHE A 104 -12.29 8.08 3.78
N ILE A 105 -12.30 6.94 3.06
CA ILE A 105 -13.29 6.67 2.00
C ILE A 105 -14.65 6.31 2.60
N THR A 106 -14.63 5.46 3.64
CA THR A 106 -15.84 5.17 4.44
C THR A 106 -16.53 6.46 4.85
N GLU A 107 -15.73 7.45 5.23
CA GLU A 107 -16.29 8.72 5.74
C GLU A 107 -16.72 9.69 4.66
N ARG A 108 -15.97 9.81 3.58
CA ARG A 108 -16.32 10.83 2.57
C ARG A 108 -16.96 10.28 1.30
N GLY A 109 -16.96 8.97 1.13
CA GLY A 109 -17.51 8.36 -0.07
C GLY A 109 -16.57 8.59 -1.24
N ALA A 110 -17.13 8.55 -2.45
CA ALA A 110 -16.37 8.72 -3.67
C ALA A 110 -15.61 10.02 -3.56
N LEU A 111 -14.31 9.99 -3.89
CA LEU A 111 -13.45 11.18 -3.85
C LEU A 111 -13.53 11.97 -5.17
N GLN A 112 -13.51 13.29 -5.02
CA GLN A 112 -13.48 14.24 -6.11
C GLN A 112 -12.26 13.92 -6.99
N GLU A 113 -12.35 14.17 -8.31
CA GLU A 113 -11.29 13.65 -9.18
C GLU A 113 -9.92 14.28 -8.91
N GLU A 114 -9.91 15.56 -8.58
CA GLU A 114 -8.69 16.27 -8.28
C GLU A 114 -8.03 15.65 -7.06
N LEU A 115 -8.81 15.25 -6.06
CA LEU A 115 -8.25 14.54 -4.89
C LEU A 115 -7.73 13.13 -5.24
N ALA A 116 -8.48 12.38 -6.03
CA ALA A 116 -8.12 11.02 -6.42
C ALA A 116 -6.78 11.01 -7.17
N ARG A 117 -6.58 12.02 -8.01
CA ARG A 117 -5.41 12.17 -8.86
C ARG A 117 -4.17 12.44 -8.05
N SER A 118 -4.29 13.28 -7.03
CA SER A 118 -3.17 13.55 -6.16
C SER A 118 -2.78 12.29 -5.41
N PHE A 119 -3.80 11.59 -4.92
CA PHE A 119 -3.61 10.43 -4.08
C PHE A 119 -3.03 9.24 -4.87
N PHE A 120 -3.55 9.07 -6.07
CA PHE A 120 -3.16 7.97 -6.95
C PHE A 120 -1.77 8.21 -7.38
N TRP A 121 -1.47 9.44 -7.77
CA TRP A 121 -0.14 9.78 -8.22
C TRP A 121 0.86 9.45 -7.11
N GLN A 122 0.57 9.91 -5.89
CA GLN A 122 1.48 9.66 -4.78
C GLN A 122 1.64 8.17 -4.50
N VAL A 123 0.60 7.39 -4.76
CA VAL A 123 0.72 5.95 -4.64
C VAL A 123 1.65 5.41 -5.72
N LEU A 124 1.40 5.81 -6.96
CA LEU A 124 2.29 5.47 -8.03
C LEU A 124 3.76 5.72 -7.69
N GLU A 125 4.09 6.90 -7.19
CA GLU A 125 5.44 7.22 -6.77
C GLU A 125 6.00 6.26 -5.70
N ALA A 126 5.18 5.89 -4.72
CA ALA A 126 5.62 4.96 -3.65
C ALA A 126 5.86 3.55 -4.17
N VAL A 127 5.00 3.13 -5.08
CA VAL A 127 5.10 1.81 -5.69
C VAL A 127 6.30 1.81 -6.61
N ARG A 128 6.57 2.93 -7.28
CA ARG A 128 7.82 3.05 -8.08
C ARG A 128 9.07 2.93 -7.21
N HIS A 129 9.04 3.62 -6.08
CA HIS A 129 10.07 3.49 -5.12
C HIS A 129 10.31 2.06 -4.65
N CYS A 130 9.27 1.35 -4.24
CA CYS A 130 9.48 -0.04 -3.85
C CYS A 130 10.09 -0.88 -4.96
N HIS A 131 9.59 -0.73 -6.18
CA HIS A 131 10.09 -1.56 -7.28
C HIS A 131 11.53 -1.23 -7.60
N ASN A 132 11.81 0.06 -7.56
CA ASN A 132 13.12 0.56 -7.80
C ASN A 132 14.07 0.02 -6.74
N CYS A 133 13.57 -0.33 -5.55
CA CYS A 133 14.40 -0.89 -4.46
C CYS A 133 14.38 -2.41 -4.41
N GLY A 134 13.70 -3.06 -5.35
CA GLY A 134 13.66 -4.51 -5.42
C GLY A 134 12.55 -5.17 -4.58
N VAL A 135 11.49 -4.42 -4.27
CA VAL A 135 10.40 -4.88 -3.38
C VAL A 135 9.07 -4.83 -4.13
N LEU A 136 8.33 -5.92 -4.04
CA LEU A 136 6.93 -5.97 -4.47
C LEU A 136 6.06 -6.03 -3.23
N HIS A 137 5.07 -5.15 -3.14
CA HIS A 137 4.19 -5.09 -1.93
C HIS A 137 3.16 -6.26 -1.93
N ARG A 138 2.49 -6.43 -3.07
CA ARG A 138 1.50 -7.52 -3.31
C ARG A 138 0.22 -7.43 -2.48
N ASP A 139 -0.06 -6.27 -1.89
CA ASP A 139 -1.31 -6.08 -1.15
C ASP A 139 -1.68 -4.60 -1.10
N ILE A 140 -1.43 -3.89 -2.20
CA ILE A 140 -1.82 -2.47 -2.33
C ILE A 140 -3.33 -2.35 -2.33
N LYS A 141 -3.84 -1.55 -1.42
CA LYS A 141 -5.27 -1.36 -1.22
C LYS A 141 -5.42 -0.20 -0.24
N ASP A 142 -6.63 0.35 -0.11
CA ASP A 142 -6.83 1.59 0.70
C ASP A 142 -6.46 1.44 2.18
N GLU A 143 -6.62 0.23 2.73
CA GLU A 143 -6.29 -0.07 4.14
C GLU A 143 -4.80 -0.02 4.40
N ASN A 144 -4.02 -0.12 3.33
CA ASN A 144 -2.58 -0.10 3.46
C ASN A 144 -1.98 1.24 3.03
N ILE A 145 -2.79 2.30 3.05
CA ILE A 145 -2.31 3.62 2.74
C ILE A 145 -2.69 4.59 3.86
N LEU A 146 -1.71 5.30 4.40
CA LEU A 146 -1.99 6.28 5.44
C LEU A 146 -2.00 7.65 4.78
N ILE A 147 -2.92 8.52 5.24
CA ILE A 147 -2.87 9.97 4.92
C ILE A 147 -2.36 10.77 6.14
N ASP A 148 -1.36 11.59 5.91
CA ASP A 148 -0.94 12.61 6.85
C ASP A 148 -1.83 13.81 6.53
N LEU A 149 -2.87 14.01 7.32
CA LEU A 149 -3.91 15.02 7.04
C LEU A 149 -3.43 16.49 7.06
N ASN A 150 -2.22 16.76 7.53
CA ASN A 150 -1.68 18.12 7.47
C ASN A 150 -0.91 18.43 6.21
N ARG A 151 -0.02 17.52 5.85
CA ARG A 151 0.84 17.70 4.69
C ARG A 151 0.28 17.10 3.41
N GLY A 152 -0.84 16.40 3.52
CA GLY A 152 -1.45 15.73 2.36
C GLY A 152 -0.57 14.69 1.70
N GLU A 153 0.34 14.11 2.45
CA GLU A 153 1.24 13.07 1.94
C GLU A 153 0.70 11.66 2.26
N LEU A 154 0.60 10.80 1.23
CA LEU A 154 0.22 9.39 1.43
C LEU A 154 1.46 8.52 1.73
N LYS A 155 1.25 7.44 2.46
CA LYS A 155 2.35 6.58 2.86
C LYS A 155 1.89 5.11 2.90
N LEU A 156 2.72 4.23 2.36
CA LEU A 156 2.40 2.84 2.14
C LEU A 156 2.77 2.01 3.36
N ILE A 157 1.91 1.09 3.78
CA ILE A 157 2.15 0.28 4.97
C ILE A 157 1.91 -1.21 4.73
N ASP A 158 2.36 -2.00 5.69
CA ASP A 158 2.06 -3.45 5.79
C ASP A 158 2.53 -4.34 4.62
N PHE A 159 3.85 -4.46 4.55
CA PHE A 159 4.60 -5.30 3.60
C PHE A 159 4.65 -6.81 3.96
N GLY A 160 3.82 -7.27 4.87
CA GLY A 160 3.83 -8.69 5.26
C GLY A 160 3.43 -9.71 4.19
N SER A 161 2.85 -9.28 3.06
CA SER A 161 2.56 -10.21 1.96
C SER A 161 3.47 -9.95 0.75
N GLY A 162 4.49 -9.14 0.96
CA GLY A 162 5.35 -8.69 -0.13
C GLY A 162 6.38 -9.76 -0.47
N ALA A 163 7.10 -9.54 -1.57
CA ALA A 163 8.23 -10.36 -1.94
C ALA A 163 9.27 -9.47 -2.57
N LEU A 164 10.48 -9.98 -2.71
CA LEU A 164 11.48 -9.37 -3.55
C LEU A 164 10.97 -9.37 -5.01
N LEU A 165 11.19 -8.28 -5.74
CA LEU A 165 10.78 -8.17 -7.16
C LEU A 165 11.63 -9.12 -7.98
N LYS A 166 11.01 -9.82 -8.91
CA LYS A 166 11.76 -10.78 -9.74
C LYS A 166 11.01 -10.78 -11.05
N ASP A 167 11.65 -11.23 -12.10
CA ASP A 167 11.15 -11.07 -13.46
C ASP A 167 10.43 -12.34 -13.96
N THR A 168 10.65 -13.45 -13.24
CA THR A 168 9.99 -14.75 -13.43
C THR A 168 8.64 -14.79 -12.71
N VAL A 169 7.96 -15.95 -12.77
CA VAL A 169 6.55 -16.03 -12.46
C VAL A 169 6.38 -16.25 -10.99
N TYR A 170 5.34 -15.66 -10.41
CA TYR A 170 5.01 -15.86 -9.00
C TYR A 170 3.92 -16.89 -8.98
N THR A 171 4.07 -17.90 -8.13
CA THR A 171 3.04 -18.90 -7.96
C THR A 171 2.51 -18.91 -6.53
N ASP A 172 2.76 -17.83 -5.80
CA ASP A 172 2.32 -17.75 -4.40
C ASP A 172 1.72 -16.38 -4.14
N PHE A 173 0.55 -16.35 -3.52
CA PHE A 173 -0.05 -15.10 -3.17
C PHE A 173 -0.77 -15.17 -1.84
N ASP A 174 -0.58 -14.16 -1.01
CA ASP A 174 -1.26 -14.04 0.25
C ASP A 174 -1.78 -12.64 0.47
N GLY A 175 -2.15 -11.94 -0.60
CA GLY A 175 -2.66 -10.58 -0.44
C GLY A 175 -4.16 -10.59 -0.21
N THR A 176 -4.84 -9.54 -0.66
CA THR A 176 -6.28 -9.47 -0.59
C THR A 176 -6.86 -9.93 -1.92
N ARG A 177 -7.86 -10.81 -1.85
CA ARG A 177 -8.33 -11.50 -3.03
C ARG A 177 -8.99 -10.55 -4.04
N VAL A 178 -9.74 -9.58 -3.53
CA VAL A 178 -10.59 -8.75 -4.35
C VAL A 178 -9.78 -7.72 -5.09
N TYR A 179 -8.50 -7.59 -4.70
CA TYR A 179 -7.47 -6.77 -5.41
C TYR A 179 -6.52 -7.65 -6.27
N SER A 180 -6.80 -8.93 -6.39
CA SER A 180 -5.91 -9.86 -7.08
C SER A 180 -6.40 -10.06 -8.50
N PRO A 181 -5.48 -10.29 -9.42
CA PRO A 181 -5.78 -10.26 -10.82
C PRO A 181 -6.37 -11.54 -11.35
N PRO A 182 -6.98 -11.47 -12.55
CA PRO A 182 -7.66 -12.68 -13.01
C PRO A 182 -6.71 -13.89 -13.19
N GLU A 183 -5.49 -13.62 -13.64
CA GLU A 183 -4.51 -14.68 -13.88
C GLU A 183 -4.11 -15.40 -12.59
N TRP A 184 -4.25 -14.76 -11.44
CA TRP A 184 -4.03 -15.48 -10.21
C TRP A 184 -5.21 -16.36 -9.91
N ILE A 185 -6.40 -15.83 -10.16
CA ILE A 185 -7.64 -16.49 -9.78
C ILE A 185 -7.75 -17.76 -10.58
N ARG A 186 -7.48 -17.66 -11.88
CA ARG A 186 -7.61 -18.76 -12.84
C ARG A 186 -6.46 -19.74 -12.88
N TYR A 187 -5.24 -19.27 -12.72
CA TYR A 187 -4.05 -20.09 -13.00
C TYR A 187 -3.04 -20.17 -11.86
N HIS A 188 -3.17 -19.30 -10.87
CA HIS A 188 -2.23 -19.24 -9.77
C HIS A 188 -0.82 -18.89 -10.29
N ARG A 189 -0.80 -17.89 -11.18
CA ARG A 189 0.42 -17.44 -11.86
C ARG A 189 0.27 -15.96 -12.16
N TYR A 190 1.28 -15.18 -11.78
CA TYR A 190 1.30 -13.77 -12.15
C TYR A 190 2.73 -13.28 -12.19
N HIS A 191 2.86 -12.07 -12.69
CA HIS A 191 4.11 -11.36 -12.66
C HIS A 191 3.94 -10.08 -11.89
N GLY A 192 5.01 -9.58 -11.30
CA GLY A 192 4.91 -8.59 -10.25
C GLY A 192 4.30 -7.27 -10.69
N ARG A 193 4.79 -6.73 -11.79
CA ARG A 193 4.42 -5.39 -12.26
C ARG A 193 3.00 -5.39 -12.74
N SER A 194 2.66 -6.36 -13.59
CA SER A 194 1.27 -6.44 -14.11
C SER A 194 0.22 -6.69 -13.00
N ALA A 195 0.53 -7.43 -11.95
CA ALA A 195 -0.44 -7.66 -10.86
C ALA A 195 -0.58 -6.38 -10.05
N ALA A 196 0.51 -5.65 -9.90
CA ALA A 196 0.52 -4.41 -9.18
C ALA A 196 -0.32 -3.36 -9.96
N VAL A 197 -0.19 -3.32 -11.28
CA VAL A 197 -1.04 -2.39 -12.07
C VAL A 197 -2.53 -2.71 -11.91
N TRP A 198 -2.88 -3.98 -12.01
CA TRP A 198 -4.26 -4.42 -11.74
C TRP A 198 -4.83 -3.93 -10.41
N SER A 199 -4.08 -4.10 -9.34
CA SER A 199 -4.54 -3.65 -8.03
C SER A 199 -4.55 -2.15 -7.94
N LEU A 200 -3.74 -1.48 -8.76
CA LEU A 200 -3.76 -0.04 -8.77
C LEU A 200 -5.06 0.41 -9.48
N GLY A 201 -5.51 -0.33 -10.48
CA GLY A 201 -6.85 -0.14 -11.08
C GLY A 201 -8.04 -0.34 -10.12
N ILE A 202 -7.95 -1.34 -9.25
CA ILE A 202 -8.99 -1.58 -8.23
C ILE A 202 -8.96 -0.42 -7.26
N LEU A 203 -7.75 0.04 -6.92
CA LEU A 203 -7.61 1.21 -6.00
C LEU A 203 -8.15 2.46 -6.69
N LEU A 204 -7.83 2.67 -7.94
CA LEU A 204 -8.28 3.90 -8.55
C LEU A 204 -9.82 3.89 -8.58
N TYR A 205 -10.46 2.79 -9.00
CA TYR A 205 -11.94 2.70 -8.96
C TYR A 205 -12.44 2.97 -7.54
N ASP A 206 -11.86 2.26 -6.57
CA ASP A 206 -12.19 2.46 -5.18
C ASP A 206 -12.22 3.95 -4.77
N MET A 207 -11.24 4.74 -5.20
CA MET A 207 -11.21 6.16 -4.83
C MET A 207 -12.29 6.95 -5.52
N VAL A 208 -12.45 6.81 -6.83
CA VAL A 208 -13.46 7.60 -7.56
C VAL A 208 -14.92 7.16 -7.38
N CYS A 209 -15.12 5.90 -7.01
CA CYS A 209 -16.49 5.36 -6.89
C CYS A 209 -16.94 5.19 -5.43
N GLY A 210 -15.99 5.08 -4.50
CA GLY A 210 -16.28 4.92 -3.06
C GLY A 210 -16.22 3.49 -2.60
N ASP A 211 -15.83 2.60 -3.50
CA ASP A 211 -15.89 1.18 -3.25
C ASP A 211 -15.18 0.40 -4.33
N ILE A 212 -14.85 -0.85 -4.03
CA ILE A 212 -14.17 -1.70 -4.98
C ILE A 212 -15.13 -2.18 -6.06
N PRO A 213 -14.62 -2.53 -7.25
CA PRO A 213 -15.52 -2.86 -8.37
C PRO A 213 -16.03 -4.30 -8.37
N PHE A 214 -15.20 -5.22 -7.89
CA PHE A 214 -15.51 -6.63 -7.87
C PHE A 214 -15.47 -7.15 -6.45
N GLU A 215 -16.41 -8.05 -6.11
CA GLU A 215 -16.36 -8.82 -4.84
C GLU A 215 -16.16 -10.32 -5.08
N HIS A 216 -16.51 -10.80 -6.27
CA HIS A 216 -16.59 -12.21 -6.51
C HIS A 216 -15.61 -12.62 -7.59
N ASP A 217 -15.12 -13.86 -7.52
CA ASP A 217 -14.16 -14.38 -8.49
C ASP A 217 -14.65 -14.23 -9.93
N GLU A 218 -15.91 -14.58 -10.15
CA GLU A 218 -16.55 -14.54 -11.47
C GLU A 218 -16.49 -13.14 -12.12
N GLU A 219 -16.58 -12.11 -11.28
CA GLU A 219 -16.55 -10.70 -11.68
C GLU A 219 -15.16 -10.29 -12.08
N ILE A 220 -14.16 -10.75 -11.32
CA ILE A 220 -12.74 -10.51 -11.63
C ILE A 220 -12.39 -11.15 -12.98
N ILE A 221 -12.63 -12.46 -13.11
CA ILE A 221 -12.38 -13.18 -14.37
C ILE A 221 -12.97 -12.45 -15.59
N ARG A 222 -14.16 -11.88 -15.43
CA ARG A 222 -14.88 -11.26 -16.54
C ARG A 222 -14.35 -9.85 -16.84
N GLY A 223 -13.89 -9.16 -15.80
CA GLY A 223 -13.16 -7.92 -15.97
C GLY A 223 -13.96 -6.77 -16.54
N GLN A 224 -15.28 -6.89 -16.58
CA GLN A 224 -16.15 -5.83 -17.08
C GLN A 224 -16.49 -4.90 -15.89
N VAL A 225 -16.12 -3.61 -15.93
CA VAL A 225 -16.35 -2.75 -14.77
C VAL A 225 -17.56 -1.84 -15.02
N PHE A 226 -18.52 -1.82 -14.10
CA PHE A 226 -19.63 -0.90 -14.19
C PHE A 226 -19.28 0.29 -13.31
N PHE A 227 -19.61 1.49 -13.78
CA PHE A 227 -19.46 2.71 -13.00
C PHE A 227 -20.77 3.16 -12.38
N ARG A 228 -20.70 3.37 -11.08
CA ARG A 228 -21.87 3.61 -10.26
C ARG A 228 -21.98 5.07 -9.87
N GLN A 229 -20.87 5.79 -9.98
CA GLN A 229 -20.84 7.24 -9.84
C GLN A 229 -20.38 7.89 -11.18
N ARG A 230 -20.64 9.19 -11.31
CA ARG A 230 -20.20 9.93 -12.46
C ARG A 230 -18.72 10.09 -12.34
N VAL A 231 -18.03 9.43 -13.27
CA VAL A 231 -16.57 9.45 -13.40
C VAL A 231 -16.25 9.91 -14.84
N SER A 232 -15.20 10.71 -14.99
CA SER A 232 -14.83 11.23 -16.31
C SER A 232 -14.41 10.12 -17.26
N SER A 233 -14.56 10.37 -18.54
CA SER A 233 -14.18 9.40 -19.56
C SER A 233 -12.68 9.06 -19.56
N GLU A 234 -11.83 10.05 -19.29
CA GLU A 234 -10.40 9.78 -19.18
C GLU A 234 -10.06 8.91 -17.98
N CYS A 235 -10.75 9.11 -16.86
CA CYS A 235 -10.50 8.34 -15.66
C CYS A 235 -11.00 6.90 -15.84
N GLN A 236 -12.16 6.77 -16.45
CA GLN A 236 -12.71 5.47 -16.81
C GLN A 236 -11.79 4.72 -17.79
N HIS A 237 -11.10 5.47 -18.64
CA HIS A 237 -10.25 4.85 -19.67
C HIS A 237 -9.02 4.25 -18.99
N LEU A 238 -8.43 4.99 -18.05
CA LEU A 238 -7.24 4.57 -17.31
C LEU A 238 -7.58 3.39 -16.42
N ILE A 239 -8.76 3.41 -15.84
CA ILE A 239 -9.16 2.36 -14.91
C ILE A 239 -9.25 1.08 -15.68
N ARG A 240 -9.91 1.13 -16.83
CA ARG A 240 -10.11 -0.07 -17.67
C ARG A 240 -8.86 -0.58 -18.31
N TRP A 241 -7.88 0.30 -18.47
CA TRP A 241 -6.59 -0.11 -18.98
C TRP A 241 -5.76 -0.86 -17.93
N CYS A 242 -5.79 -0.40 -16.67
CA CYS A 242 -5.17 -1.14 -15.56
C CYS A 242 -5.82 -2.44 -15.30
N LEU A 243 -7.13 -2.48 -15.55
CA LEU A 243 -7.93 -3.69 -15.35
C LEU A 243 -8.05 -4.55 -16.62
N ALA A 244 -7.14 -4.42 -17.59
CA ALA A 244 -7.22 -5.33 -18.74
C ALA A 244 -7.01 -6.76 -18.29
N LEU A 245 -7.78 -7.68 -18.86
CA LEU A 245 -7.67 -9.11 -18.57
C LEU A 245 -6.30 -9.70 -18.89
N ARG A 246 -5.66 -9.25 -19.96
CA ARG A 246 -4.33 -9.78 -20.26
C ARG A 246 -3.26 -8.92 -19.61
N PRO A 247 -2.41 -9.55 -18.79
CA PRO A 247 -1.35 -8.78 -18.16
C PRO A 247 -0.61 -7.91 -19.15
N SER A 248 -0.27 -8.45 -20.31
CA SER A 248 0.54 -7.69 -21.24
C SER A 248 -0.22 -6.49 -21.81
N ASP A 249 -1.54 -6.45 -21.70
CA ASP A 249 -2.30 -5.28 -22.15
C ASP A 249 -2.40 -4.22 -21.07
N ARG A 250 -1.79 -4.42 -19.92
CA ARG A 250 -1.90 -3.40 -18.87
C ARG A 250 -0.80 -2.38 -19.07
N PRO A 251 -0.99 -1.18 -18.54
CA PRO A 251 0.05 -0.17 -18.74
C PRO A 251 1.24 -0.35 -17.80
N THR A 252 2.38 0.14 -18.27
CA THR A 252 3.53 0.35 -17.40
C THR A 252 3.23 1.53 -16.47
N PHE A 253 4.03 1.64 -15.42
CA PHE A 253 3.95 2.76 -14.52
C PHE A 253 4.15 4.08 -15.25
N GLU A 254 5.04 4.11 -16.22
CA GLU A 254 5.26 5.30 -17.01
C GLU A 254 4.05 5.67 -17.82
N GLU A 255 3.36 4.68 -18.37
CA GLU A 255 2.18 4.97 -19.18
C GLU A 255 1.02 5.48 -18.32
N ILE A 256 0.96 5.02 -17.09
CA ILE A 256 -0.06 5.49 -16.17
C ILE A 256 0.20 6.97 -15.93
N GLN A 257 1.42 7.34 -15.50
CA GLN A 257 1.74 8.72 -15.16
C GLN A 257 1.77 9.62 -16.40
N ASN A 258 1.93 9.07 -17.59
CA ASN A 258 1.73 9.86 -18.81
C ASN A 258 0.31 9.82 -19.40
N HIS A 259 -0.65 9.20 -18.70
CA HIS A 259 -2.02 9.20 -19.18
C HIS A 259 -2.60 10.61 -19.03
N PRO A 260 -3.45 11.05 -19.97
CA PRO A 260 -3.97 12.41 -19.87
C PRO A 260 -4.70 12.70 -18.57
N TRP A 261 -5.30 11.69 -17.94
CA TRP A 261 -5.99 11.95 -16.68
C TRP A 261 -5.04 12.34 -15.56
N MET A 262 -3.81 11.87 -15.60
CA MET A 262 -2.83 12.13 -14.54
C MET A 262 -2.04 13.42 -14.67
N GLN A 263 -2.39 14.30 -15.63
CA GLN A 263 -1.68 15.57 -15.83
C GLN A 263 -2.16 16.64 -14.83
N ASP A 264 -1.26 17.56 -14.48
CA ASP A 264 -1.50 18.65 -13.53
C ASP A 264 -1.80 18.22 -12.13
N VAL A 265 -1.23 17.11 -11.66
CA VAL A 265 -1.40 16.74 -10.26
C VAL A 265 -1.09 17.92 -9.37
N LEU A 266 -1.92 18.07 -8.34
CA LEU A 266 -1.67 18.94 -7.22
C LEU A 266 -0.46 18.43 -6.42
N LEU A 267 0.24 19.37 -5.80
CA LEU A 267 1.31 19.02 -4.89
C LEU A 267 0.65 18.69 -3.55
N PRO A 268 1.25 17.80 -2.73
CA PRO A 268 0.58 17.36 -1.48
C PRO A 268 -0.01 18.46 -0.60
N GLN A 269 0.76 19.52 -0.40
CA GLN A 269 0.34 20.62 0.48
C GLN A 269 -0.89 21.36 -0.07
N GLU A 270 -0.93 21.61 -1.38
CA GLU A 270 -2.11 22.22 -1.99
C GLU A 270 -3.26 21.24 -1.80
N THR A 271 -2.98 19.97 -2.00
CA THR A 271 -3.98 18.96 -1.85
C THR A 271 -4.56 19.01 -0.47
N ALA A 272 -3.74 19.22 0.57
CA ALA A 272 -4.28 19.17 1.93
C ALA A 272 -5.02 20.48 2.25
N GLU A 273 -4.53 21.58 1.72
CA GLU A 273 -5.20 22.86 1.88
C GLU A 273 -6.60 22.83 1.24
N ILE A 274 -6.67 22.37 0.00
CA ILE A 274 -7.93 22.34 -0.72
C ILE A 274 -8.89 21.29 -0.17
N HIS A 275 -8.42 20.06 0.06
CA HIS A 275 -9.30 18.93 0.34
C HIS A 275 -9.25 18.37 1.75
N LEU A 276 -8.33 18.81 2.60
CA LEU A 276 -8.12 18.13 3.88
C LEU A 276 -8.18 19.01 5.15
N HIS A 277 -7.85 20.30 5.05
CA HIS A 277 -7.76 21.12 6.26
C HIS A 277 -9.12 21.55 6.78
N SER A 278 -9.19 21.67 8.11
CA SER A 278 -10.26 22.39 8.79
C SER A 278 -11.62 21.70 8.66
N1 26K B . -4.85 -0.08 9.38
N3 26K B . -0.08 4.21 11.85
C4 26K B . -3.73 0.67 11.46
C5 26K B . -2.37 2.70 11.97
C6 26K B . -2.35 4.06 12.38
C7 26K B . -1.19 4.82 12.30
C8 26K B . -0.10 2.93 11.47
C10 26K B . 1.68 1.45 10.55
C13 26K B . 1.99 3.82 11.19
C2 26K B . -4.32 -1.05 8.44
C1 26K B . -5.52 -0.78 10.46
C3 26K B . -3.79 0.74 9.92
N2 26K B . -3.54 2.00 12.03
N7 26K B . -1.22 2.14 11.50
C9 26K B . 1.20 2.67 11.05
C12 26K B . 0.92 0.28 10.39
N5 26K B . 1.77 -0.65 9.90
N4 26K B . 3.02 -0.05 9.78
C11 26K B . 3.01 1.25 10.16
N6 26K B . 1.18 4.82 11.70
#